data_5MO9
#
_entry.id   5MO9
#
_cell.length_a   148.370
_cell.length_b   55.430
_cell.length_c   69.390
_cell.angle_alpha   90.00
_cell.angle_beta   90.00
_cell.angle_gamma   90.00
#
_symmetry.space_group_name_H-M   'P 21 21 2'
#
loop_
_entity.id
_entity.type
_entity.pdbx_description
1 polymer 'AB20 Fab heavy chain'
2 polymer 'AB20 Fab light chain'
3 polymer 'BDNF/NT-3 growth factors receptor'
4 water water
#
loop_
_entity_poly.entity_id
_entity_poly.type
_entity_poly.pdbx_seq_one_letter_code
_entity_poly.pdbx_strand_id
1 'polypeptide(L)'
;QVQLQQSGAELVRPGASVTLSCKASGYTFTDYEMHWVKQTPVHGLEWIGTIDPETAGTAYNQKFKGKAILTAGKSSSTAY
MELRSLTSEDSAVYYCTGVTTWFAYWGQGTLVTVSAASTKGPSVFPLAPSSKSTSGGTAALGCLVKDYFPEPVTVSWNSG
ALTSGVHTFPAVLQSSGLYSLSSVVTVPSSSLGTQTYICNVNHKPSNTKVDKKVEPKSCDKTH
;
H
2 'polypeptide(L)'
;DVVMTQTPLSLPVSLGDQASISCRSSQSLVHSNGNTYLHWYLQKPGQSPNLLIYKVSNRFSGVPDRFSGSGSGTDFTLKI
SRVEAEDLGVYFCSQGTHVPYTFGGGTKLEIKRTVAAPSVFIFPPSDEQLKSGTASVVCLLNNFYPREAKVQWKVDNALQ
SGNSQESVTEQDSKDSTYSLSSTLTLSKADYEKHKVYACEVTHQGLSSPVTKSFNRGEC
;
L
3 'polypeptide(L)'
;MGSVNLTVHFAPTITFLESPTSDHHWCIPFTVKGNPKPALQWFYNGAILNESKYICTKIHVTNHTEYHGCLQLDNPTHMN
NGDYTLIAKNEYGKDEKQISAHFMGWPGIDDGANPNYPDVIYEDYGTAANDIGDTTNRSNEIPSTDVTDKT
;
X
#
# COMPACT_ATOMS: atom_id res chain seq x y z
N GLN A 1 -3.41 -15.52 14.93
CA GLN A 1 -3.05 -14.35 14.14
C GLN A 1 -2.81 -14.69 12.66
N VAL A 2 -3.74 -14.27 11.76
CA VAL A 2 -3.60 -14.51 10.32
C VAL A 2 -2.45 -13.63 9.82
N GLN A 3 -1.40 -14.30 9.33
CA GLN A 3 -0.18 -13.65 8.87
C GLN A 3 0.30 -14.24 7.53
N LEU A 4 0.62 -13.37 6.56
CA LEU A 4 1.18 -13.73 5.25
C LEU A 4 2.58 -13.12 5.19
N GLN A 5 3.61 -13.95 5.35
CA GLN A 5 4.98 -13.46 5.36
C GLN A 5 5.71 -13.75 4.05
N GLN A 6 6.00 -12.67 3.31
CA GLN A 6 6.68 -12.74 2.02
C GLN A 6 8.20 -12.71 2.12
N SER A 7 8.85 -13.34 1.14
CA SER A 7 10.30 -13.41 0.98
C SER A 7 10.85 -12.02 0.64
N GLY A 8 12.15 -11.82 0.84
CA GLY A 8 12.82 -10.54 0.63
C GLY A 8 12.90 -10.03 -0.79
N ALA A 9 13.38 -8.78 -0.93
CA ALA A 9 13.58 -8.10 -2.20
C ALA A 9 14.54 -8.89 -3.11
N GLU A 10 14.23 -8.92 -4.42
CA GLU A 10 15.04 -9.63 -5.41
C GLU A 10 15.52 -8.69 -6.50
N LEU A 11 16.81 -8.78 -6.86
CA LEU A 11 17.42 -8.06 -7.98
C LEU A 11 17.82 -9.12 -8.99
N VAL A 12 17.07 -9.18 -10.10
CA VAL A 12 17.24 -10.20 -11.14
C VAL A 12 17.58 -9.57 -12.49
N ARG A 13 18.56 -10.16 -13.21
CA ARG A 13 18.95 -9.70 -14.54
C ARG A 13 17.88 -10.05 -15.60
N PRO A 14 17.67 -9.23 -16.66
CA PRO A 14 16.67 -9.60 -17.70
C PRO A 14 16.87 -10.99 -18.31
N GLY A 15 15.78 -11.69 -18.60
CA GLY A 15 15.79 -13.01 -19.21
C GLY A 15 15.82 -14.19 -18.23
N ALA A 16 16.20 -13.92 -16.96
CA ALA A 16 16.27 -14.91 -15.90
C ALA A 16 14.89 -15.14 -15.22
N SER A 17 14.86 -16.02 -14.21
CA SER A 17 13.66 -16.36 -13.47
C SER A 17 13.89 -16.23 -11.96
N VAL A 18 12.80 -15.92 -11.26
CA VAL A 18 12.78 -15.78 -9.82
C VAL A 18 11.56 -16.50 -9.23
N THR A 19 11.72 -17.06 -8.02
CA THR A 19 10.64 -17.70 -7.29
C THR A 19 10.38 -16.86 -6.04
N LEU A 20 9.14 -16.41 -5.90
CA LEU A 20 8.69 -15.62 -4.76
C LEU A 20 7.89 -16.53 -3.85
N SER A 21 8.13 -16.45 -2.53
CA SER A 21 7.44 -17.27 -1.55
C SER A 21 6.56 -16.43 -0.61
N CYS A 22 5.55 -17.08 0.00
N CYS A 22 5.57 -17.09 0.01
CA CYS A 22 4.61 -16.45 0.93
CA CYS A 22 4.59 -16.49 0.90
C CYS A 22 4.18 -17.48 1.96
C CYS A 22 4.18 -17.51 1.96
N LYS A 23 4.70 -17.33 3.20
CA LYS A 23 4.39 -18.21 4.32
C LYS A 23 3.06 -17.78 4.94
N ALA A 24 2.09 -18.70 5.01
CA ALA A 24 0.77 -18.45 5.59
C ALA A 24 0.64 -19.10 6.97
N SER A 25 0.29 -18.30 7.98
CA SER A 25 0.11 -18.78 9.35
C SER A 25 -1.16 -18.15 9.98
N GLY A 26 -1.67 -18.81 11.03
CA GLY A 26 -2.83 -18.35 11.78
C GLY A 26 -4.18 -18.85 11.26
N TYR A 27 -4.16 -19.80 10.31
CA TYR A 27 -5.34 -20.42 9.71
C TYR A 27 -4.94 -21.69 8.94
N THR A 28 -5.93 -22.44 8.44
CA THR A 28 -5.69 -23.65 7.68
C THR A 28 -5.53 -23.30 6.21
N PHE A 29 -4.29 -22.95 5.83
CA PHE A 29 -3.81 -22.56 4.50
C PHE A 29 -4.41 -23.35 3.31
N THR A 30 -4.44 -24.70 3.43
CA THR A 30 -4.92 -25.62 2.39
C THR A 30 -6.43 -25.49 2.11
N ASP A 31 -7.22 -25.01 3.09
CA ASP A 31 -8.67 -24.85 2.98
C ASP A 31 -9.13 -23.58 2.26
N TYR A 32 -8.24 -22.60 2.08
CA TYR A 32 -8.59 -21.32 1.47
C TYR A 32 -7.84 -21.00 0.17
N GLU A 33 -8.36 -20.03 -0.59
CA GLU A 33 -7.78 -19.53 -1.85
C GLU A 33 -6.59 -18.61 -1.55
N MET A 34 -5.62 -18.60 -2.45
CA MET A 34 -4.46 -17.73 -2.39
C MET A 34 -4.41 -17.00 -3.72
N HIS A 35 -4.16 -15.69 -3.67
CA HIS A 35 -4.10 -14.80 -4.83
C HIS A 35 -2.76 -14.05 -4.86
N TRP A 36 -2.32 -13.68 -6.05
CA TRP A 36 -1.11 -12.87 -6.19
C TRP A 36 -1.49 -11.61 -6.96
N VAL A 37 -1.00 -10.47 -6.49
CA VAL A 37 -1.30 -9.15 -7.04
C VAL A 37 0.02 -8.42 -7.34
N LYS A 38 0.07 -7.69 -8.46
CA LYS A 38 1.23 -6.90 -8.86
C LYS A 38 0.87 -5.41 -8.75
N GLN A 39 1.78 -4.61 -8.15
CA GLN A 39 1.59 -3.16 -8.05
C GLN A 39 2.73 -2.38 -8.73
N THR A 40 2.37 -1.52 -9.68
CA THR A 40 3.30 -0.63 -10.41
C THR A 40 2.71 0.79 -10.41
N PRO A 41 3.54 1.88 -10.45
CA PRO A 41 2.95 3.24 -10.51
C PRO A 41 2.13 3.54 -11.77
N VAL A 42 2.55 2.98 -12.93
CA VAL A 42 1.89 3.16 -14.22
C VAL A 42 0.59 2.32 -14.38
N HIS A 43 0.63 0.98 -14.11
CA HIS A 43 -0.51 0.06 -14.26
C HIS A 43 -1.39 -0.12 -13.02
N GLY A 44 -0.93 0.35 -11.87
CA GLY A 44 -1.63 0.25 -10.59
C GLY A 44 -1.62 -1.16 -10.05
N LEU A 45 -2.76 -1.58 -9.48
CA LEU A 45 -2.95 -2.92 -8.93
C LEU A 45 -3.49 -3.86 -10.00
N GLU A 46 -2.80 -4.99 -10.20
CA GLU A 46 -3.21 -6.01 -11.19
C GLU A 46 -3.25 -7.37 -10.54
N TRP A 47 -4.28 -8.14 -10.82
CA TRP A 47 -4.45 -9.49 -10.28
C TRP A 47 -3.74 -10.47 -11.22
N ILE A 48 -2.83 -11.27 -10.69
CA ILE A 48 -2.07 -12.23 -11.49
C ILE A 48 -2.86 -13.53 -11.68
N GLY A 49 -3.19 -14.18 -10.58
CA GLY A 49 -3.91 -15.43 -10.57
C GLY A 49 -4.25 -15.90 -9.18
N THR A 50 -4.78 -17.13 -9.09
CA THR A 50 -5.20 -17.76 -7.83
C THR A 50 -4.93 -19.26 -7.81
N ILE A 51 -4.65 -19.78 -6.62
CA ILE A 51 -4.42 -21.20 -6.41
C ILE A 51 -5.25 -21.71 -5.22
N ASP A 52 -5.74 -22.96 -5.32
CA ASP A 52 -6.45 -23.65 -4.28
C ASP A 52 -5.45 -24.71 -3.82
N PRO A 53 -4.68 -24.44 -2.74
CA PRO A 53 -3.62 -25.38 -2.31
C PRO A 53 -4.02 -26.86 -2.11
N GLU A 54 -5.30 -27.16 -1.81
CA GLU A 54 -5.73 -28.54 -1.62
C GLU A 54 -5.68 -29.35 -2.92
N THR A 55 -6.28 -28.81 -4.00
CA THR A 55 -6.36 -29.47 -5.31
C THR A 55 -5.21 -29.08 -6.26
N ALA A 56 -4.46 -28.00 -5.92
CA ALA A 56 -3.39 -27.38 -6.73
C ALA A 56 -3.97 -26.73 -8.02
N GLY A 57 -5.29 -26.53 -8.03
CA GLY A 57 -6.03 -25.92 -9.13
C GLY A 57 -5.75 -24.44 -9.25
N THR A 58 -5.40 -23.98 -10.46
CA THR A 58 -5.08 -22.58 -10.72
C THR A 58 -6.07 -21.92 -11.66
N ALA A 59 -6.04 -20.58 -11.67
CA ALA A 59 -6.81 -19.68 -12.54
C ALA A 59 -5.90 -18.45 -12.72
N TYR A 60 -5.64 -18.06 -13.98
CA TYR A 60 -4.74 -16.95 -14.28
C TYR A 60 -5.41 -15.83 -15.05
N ASN A 61 -4.91 -14.60 -14.86
CA ASN A 61 -5.29 -13.45 -15.66
C ASN A 61 -4.53 -13.74 -16.98
N GLN A 62 -5.22 -13.65 -18.12
CA GLN A 62 -4.65 -13.92 -19.44
C GLN A 62 -3.30 -13.21 -19.69
N LYS A 63 -3.15 -11.96 -19.23
CA LYS A 63 -1.90 -11.20 -19.43
C LYS A 63 -0.70 -11.68 -18.55
N PHE A 64 -0.88 -12.72 -17.71
CA PHE A 64 0.24 -13.23 -16.90
C PHE A 64 0.50 -14.71 -17.18
N LYS A 65 -0.15 -15.25 -18.23
CA LYS A 65 -0.02 -16.64 -18.70
C LYS A 65 1.37 -16.85 -19.33
N GLY A 66 2.13 -17.79 -18.79
CA GLY A 66 3.50 -18.08 -19.21
C GLY A 66 4.56 -17.22 -18.52
N LYS A 67 4.12 -16.09 -17.92
CA LYS A 67 4.97 -15.15 -17.20
C LYS A 67 5.05 -15.61 -15.75
N ALA A 68 3.89 -15.91 -15.15
CA ALA A 68 3.77 -16.36 -13.75
C ALA A 68 3.20 -17.76 -13.62
N ILE A 69 3.75 -18.53 -12.67
CA ILE A 69 3.37 -19.91 -12.34
C ILE A 69 3.16 -19.97 -10.83
N LEU A 70 1.99 -20.43 -10.40
CA LEU A 70 1.59 -20.54 -9.01
C LEU A 70 1.60 -21.97 -8.52
N THR A 71 2.27 -22.21 -7.38
N THR A 71 2.26 -22.21 -7.39
CA THR A 71 2.35 -23.53 -6.74
CA THR A 71 2.37 -23.52 -6.72
C THR A 71 2.24 -23.36 -5.22
C THR A 71 2.18 -23.34 -5.22
N ALA A 72 1.89 -24.44 -4.50
CA ALA A 72 1.71 -24.40 -3.05
C ALA A 72 2.32 -25.61 -2.38
N GLY A 73 3.08 -25.35 -1.33
CA GLY A 73 3.65 -26.37 -0.46
C GLY A 73 2.63 -26.63 0.62
N LYS A 74 1.91 -27.77 0.52
CA LYS A 74 0.83 -28.15 1.45
C LYS A 74 1.30 -28.35 2.90
N SER A 75 2.36 -29.16 3.09
CA SER A 75 2.95 -29.45 4.40
C SER A 75 3.67 -28.23 4.98
N SER A 76 4.25 -27.40 4.11
CA SER A 76 5.02 -26.20 4.45
C SER A 76 4.16 -24.95 4.72
N SER A 77 2.87 -24.95 4.29
CA SER A 77 1.95 -23.80 4.41
C SER A 77 2.52 -22.56 3.70
N THR A 78 3.07 -22.80 2.50
CA THR A 78 3.73 -21.77 1.69
C THR A 78 3.20 -21.74 0.28
N ALA A 79 2.93 -20.51 -0.22
CA ALA A 79 2.49 -20.25 -1.57
C ALA A 79 3.70 -19.70 -2.36
N TYR A 80 3.90 -20.17 -3.59
CA TYR A 80 5.01 -19.76 -4.45
C TYR A 80 4.53 -19.22 -5.78
N MET A 81 5.21 -18.21 -6.27
CA MET A 81 4.95 -17.66 -7.60
C MET A 81 6.28 -17.48 -8.34
N GLU A 82 6.41 -18.14 -9.49
CA GLU A 82 7.59 -18.03 -10.32
C GLU A 82 7.34 -17.04 -11.44
N LEU A 83 8.31 -16.13 -11.64
CA LEU A 83 8.29 -15.13 -12.70
C LEU A 83 9.37 -15.50 -13.73
N ARG A 84 8.97 -15.78 -14.98
CA ARG A 84 9.85 -16.25 -16.06
C ARG A 84 10.16 -15.17 -17.08
N SER A 85 11.34 -15.30 -17.79
CA SER A 85 11.83 -14.43 -18.86
C SER A 85 11.66 -12.97 -18.51
N LEU A 86 12.24 -12.58 -17.38
CA LEU A 86 12.09 -11.26 -16.80
C LEU A 86 12.48 -10.11 -17.72
N THR A 87 11.74 -9.01 -17.62
CA THR A 87 11.94 -7.75 -18.36
C THR A 87 11.79 -6.61 -17.36
N SER A 88 12.08 -5.37 -17.79
CA SER A 88 11.92 -4.16 -16.97
C SER A 88 10.43 -3.95 -16.60
N GLU A 89 9.50 -4.46 -17.45
CA GLU A 89 8.04 -4.44 -17.27
C GLU A 89 7.64 -5.34 -16.09
N ASP A 90 8.53 -6.24 -15.64
CA ASP A 90 8.29 -7.13 -14.51
C ASP A 90 8.77 -6.54 -13.16
N SER A 91 9.47 -5.37 -13.20
CA SER A 91 9.91 -4.66 -11.99
C SER A 91 8.68 -4.06 -11.32
N ALA A 92 8.33 -4.58 -10.14
CA ALA A 92 7.13 -4.19 -9.37
C ALA A 92 7.20 -4.68 -7.95
N VAL A 93 6.16 -4.34 -7.18
CA VAL A 93 5.95 -4.89 -5.84
C VAL A 93 4.91 -5.98 -6.03
N TYR A 94 5.23 -7.20 -5.59
CA TYR A 94 4.33 -8.32 -5.72
C TYR A 94 3.78 -8.66 -4.37
N TYR A 95 2.46 -8.83 -4.31
CA TYR A 95 1.77 -9.15 -3.07
C TYR A 95 1.07 -10.49 -3.11
N CYS A 96 1.18 -11.26 -2.03
N CYS A 96 1.13 -11.19 -1.99
CA CYS A 96 0.40 -12.47 -1.85
CA CYS A 96 0.47 -12.43 -1.71
C CYS A 96 -0.79 -12.04 -0.98
C CYS A 96 -0.80 -12.04 -0.90
N THR A 97 -2.00 -12.41 -1.39
CA THR A 97 -3.25 -12.02 -0.73
C THR A 97 -4.34 -13.09 -0.73
N GLY A 98 -5.24 -12.99 0.22
CA GLY A 98 -6.36 -13.92 0.36
C GLY A 98 -7.53 -13.32 1.11
N VAL A 99 -8.59 -14.12 1.37
CA VAL A 99 -8.68 -15.54 1.04
C VAL A 99 -9.92 -15.88 0.20
N THR A 100 -10.62 -14.87 -0.36
CA THR A 100 -11.82 -15.07 -1.20
C THR A 100 -11.89 -13.94 -2.27
N THR A 101 -13.09 -13.57 -2.76
CA THR A 101 -13.29 -12.50 -3.76
C THR A 101 -12.82 -11.12 -3.23
N TRP A 102 -12.87 -10.93 -1.91
CA TRP A 102 -12.37 -9.76 -1.20
C TRP A 102 -11.06 -10.17 -0.53
N PHE A 103 -10.10 -9.25 -0.52
CA PHE A 103 -8.79 -9.52 0.04
C PHE A 103 -8.56 -8.84 1.37
N ALA A 104 -8.92 -9.53 2.45
CA ALA A 104 -8.78 -9.04 3.82
C ALA A 104 -7.34 -9.19 4.35
N TYR A 105 -6.57 -10.12 3.76
CA TYR A 105 -5.21 -10.43 4.19
C TYR A 105 -4.21 -10.24 3.09
N TRP A 106 -3.19 -9.42 3.35
CA TRP A 106 -2.12 -9.12 2.41
C TRP A 106 -0.79 -9.35 3.10
N GLY A 107 0.21 -9.72 2.30
CA GLY A 107 1.60 -9.82 2.75
C GLY A 107 2.18 -8.43 2.75
N GLN A 108 3.44 -8.28 3.18
CA GLN A 108 4.08 -6.96 3.20
C GLN A 108 4.53 -6.50 1.81
N GLY A 109 4.56 -7.44 0.87
CA GLY A 109 5.01 -7.21 -0.49
C GLY A 109 6.46 -7.60 -0.68
N THR A 110 6.81 -7.92 -1.93
CA THR A 110 8.16 -8.27 -2.35
C THR A 110 8.53 -7.35 -3.49
N LEU A 111 9.64 -6.60 -3.34
CA LEU A 111 10.11 -5.74 -4.40
C LEU A 111 10.99 -6.55 -5.32
N VAL A 112 10.65 -6.54 -6.61
CA VAL A 112 11.44 -7.23 -7.63
C VAL A 112 11.98 -6.18 -8.58
N THR A 113 13.32 -6.03 -8.61
CA THR A 113 14.01 -5.10 -9.51
C THR A 113 14.64 -5.94 -10.64
N VAL A 114 14.24 -5.67 -11.90
CA VAL A 114 14.79 -6.39 -13.05
C VAL A 114 15.81 -5.50 -13.75
N SER A 115 17.11 -5.77 -13.51
CA SER A 115 18.23 -5.01 -14.07
C SER A 115 19.54 -5.79 -14.16
N ALA A 116 20.39 -5.39 -15.12
CA ALA A 116 21.73 -5.93 -15.35
C ALA A 116 22.73 -5.30 -14.38
N ALA A 117 22.46 -4.04 -13.96
CA ALA A 117 23.28 -3.26 -13.04
C ALA A 117 23.50 -3.98 -11.71
N SER A 118 24.73 -3.90 -11.23
CA SER A 118 25.15 -4.53 -9.97
C SER A 118 24.80 -3.66 -8.75
N THR A 119 24.71 -4.30 -7.57
CA THR A 119 24.41 -3.62 -6.29
C THR A 119 25.51 -2.61 -5.93
N LYS A 120 25.10 -1.38 -5.62
CA LYS A 120 26.00 -0.29 -5.24
C LYS A 120 25.53 0.37 -3.95
N GLY A 121 26.43 0.44 -2.96
CA GLY A 121 26.17 1.12 -1.69
C GLY A 121 26.17 2.63 -1.88
N PRO A 122 25.47 3.40 -1.03
CA PRO A 122 25.42 4.85 -1.24
C PRO A 122 26.57 5.64 -0.63
N SER A 123 26.77 6.84 -1.18
CA SER A 123 27.71 7.83 -0.69
C SER A 123 26.84 8.86 0.04
N VAL A 124 26.99 8.94 1.37
CA VAL A 124 26.20 9.85 2.21
C VAL A 124 26.93 11.19 2.39
N PHE A 125 26.28 12.30 1.97
CA PHE A 125 26.87 13.64 2.06
C PHE A 125 26.04 14.61 2.90
N PRO A 126 26.68 15.45 3.76
CA PRO A 126 25.89 16.40 4.57
C PRO A 126 25.23 17.54 3.78
N LEU A 127 24.08 17.99 4.29
CA LEU A 127 23.32 19.15 3.83
C LEU A 127 23.34 20.06 5.05
N ALA A 128 24.40 20.86 5.15
CA ALA A 128 24.70 21.70 6.31
C ALA A 128 23.87 22.99 6.41
N PRO A 129 23.42 23.35 7.65
CA PRO A 129 22.66 24.60 7.81
C PRO A 129 23.56 25.85 7.68
N SER A 130 23.07 26.84 6.90
CA SER A 130 23.77 28.09 6.62
C SER A 130 23.57 29.12 7.72
N GLY A 136 17.38 32.91 11.05
CA GLY A 136 15.98 32.65 11.37
C GLY A 136 15.76 31.83 12.63
N GLY A 137 14.49 31.66 13.00
CA GLY A 137 14.06 30.91 14.18
C GLY A 137 14.32 29.42 14.12
N THR A 138 13.98 28.80 12.97
CA THR A 138 14.21 27.38 12.70
C THR A 138 15.23 27.23 11.58
N ALA A 139 16.06 26.19 11.66
CA ALA A 139 17.10 25.86 10.70
C ALA A 139 16.88 24.50 10.09
N ALA A 140 17.24 24.34 8.81
CA ALA A 140 17.13 23.08 8.11
C ALA A 140 18.51 22.50 7.81
N LEU A 141 18.63 21.18 8.04
CA LEU A 141 19.81 20.38 7.78
C LEU A 141 19.37 18.98 7.32
N GLY A 142 20.28 18.21 6.77
CA GLY A 142 19.95 16.88 6.30
C GLY A 142 21.10 16.12 5.68
N CYS A 143 20.79 15.04 4.96
N CYS A 143 20.81 15.03 4.96
CA CYS A 143 21.75 14.17 4.29
CA CYS A 143 21.83 14.26 4.28
C CYS A 143 21.34 13.83 2.87
C CYS A 143 21.38 13.77 2.90
N LEU A 144 22.32 13.75 1.94
CA LEU A 144 22.12 13.37 0.55
C LEU A 144 22.73 11.98 0.38
N VAL A 145 21.87 10.99 0.18
CA VAL A 145 22.20 9.57 0.00
C VAL A 145 22.30 9.38 -1.52
N LYS A 146 23.53 9.43 -2.04
CA LYS A 146 23.77 9.43 -3.48
C LYS A 146 24.38 8.17 -4.07
N ASP A 147 24.02 7.91 -5.35
CA ASP A 147 24.52 6.86 -6.24
C ASP A 147 24.47 5.42 -5.64
N TYR A 148 23.25 4.97 -5.34
CA TYR A 148 23.01 3.61 -4.81
C TYR A 148 22.08 2.82 -5.74
N PHE A 149 22.15 1.48 -5.66
CA PHE A 149 21.34 0.58 -6.47
C PHE A 149 21.30 -0.84 -5.87
N PRO A 150 20.13 -1.50 -5.83
CA PRO A 150 18.78 -1.00 -6.19
C PRO A 150 18.14 -0.32 -4.98
N GLU A 151 16.84 -0.05 -5.08
CA GLU A 151 16.07 0.49 -3.97
C GLU A 151 15.81 -0.69 -2.99
N PRO A 152 15.47 -0.43 -1.70
CA PRO A 152 15.28 0.88 -1.05
C PRO A 152 16.47 1.29 -0.17
N VAL A 153 16.31 2.40 0.54
CA VAL A 153 17.24 2.92 1.54
C VAL A 153 16.43 3.40 2.75
N THR A 154 16.97 3.22 3.97
CA THR A 154 16.31 3.61 5.22
C THR A 154 17.11 4.73 5.89
N VAL A 155 16.42 5.81 6.31
CA VAL A 155 17.05 6.95 6.98
C VAL A 155 16.31 7.30 8.27
N SER A 156 17.02 7.21 9.41
CA SER A 156 16.54 7.61 10.73
C SER A 156 17.46 8.71 11.24
N TRP A 157 17.00 9.51 12.22
CA TRP A 157 17.83 10.58 12.76
C TRP A 157 18.12 10.33 14.23
N ASN A 158 19.40 10.42 14.61
CA ASN A 158 19.90 10.22 15.99
C ASN A 158 19.43 8.89 16.55
N SER A 159 19.64 7.81 15.77
CA SER A 159 19.23 6.43 16.09
C SER A 159 17.72 6.34 16.41
N GLY A 160 16.92 7.06 15.62
CA GLY A 160 15.47 7.10 15.72
C GLY A 160 14.88 8.05 16.74
N ALA A 161 15.74 8.74 17.54
CA ALA A 161 15.32 9.70 18.58
C ALA A 161 14.74 11.01 18.01
N LEU A 162 15.05 11.34 16.75
CA LEU A 162 14.57 12.55 16.09
C LEU A 162 13.64 12.17 14.92
N THR A 163 12.34 12.46 15.09
CA THR A 163 11.26 12.15 14.15
C THR A 163 10.47 13.41 13.73
N SER A 164 10.37 14.39 14.65
CA SER A 164 9.68 15.66 14.39
C SER A 164 10.53 16.56 13.46
N GLY A 165 9.90 17.05 12.40
CA GLY A 165 10.55 17.90 11.40
C GLY A 165 11.27 17.15 10.29
N VAL A 166 11.42 15.81 10.44
CA VAL A 166 12.11 14.91 9.50
C VAL A 166 11.27 14.68 8.24
N HIS A 167 11.89 14.83 7.06
CA HIS A 167 11.27 14.58 5.76
C HIS A 167 12.24 13.80 4.86
N THR A 168 11.94 12.52 4.62
CA THR A 168 12.73 11.68 3.72
C THR A 168 12.00 11.64 2.38
N PHE A 169 12.60 12.26 1.38
CA PHE A 169 12.05 12.40 0.03
C PHE A 169 12.09 11.10 -0.77
N PRO A 170 11.11 10.88 -1.69
CA PRO A 170 11.18 9.69 -2.56
C PRO A 170 12.46 9.74 -3.39
N ALA A 171 13.06 8.58 -3.66
CA ALA A 171 14.30 8.52 -4.44
C ALA A 171 14.04 8.87 -5.91
N VAL A 172 15.05 9.41 -6.57
CA VAL A 172 15.02 9.73 -7.98
C VAL A 172 16.05 8.88 -8.70
N LEU A 173 15.68 8.35 -9.88
CA LEU A 173 16.61 7.56 -10.68
C LEU A 173 17.29 8.52 -11.66
N GLN A 174 18.61 8.67 -11.50
CA GLN A 174 19.46 9.55 -12.30
C GLN A 174 19.78 8.88 -13.63
N SER A 175 20.22 9.68 -14.63
CA SER A 175 20.60 9.24 -15.98
C SER A 175 21.67 8.16 -15.98
N SER A 176 22.51 8.13 -14.91
CA SER A 176 23.60 7.17 -14.68
C SER A 176 23.08 5.75 -14.32
N GLY A 177 21.77 5.64 -14.09
CA GLY A 177 21.10 4.40 -13.72
C GLY A 177 21.16 4.13 -12.23
N LEU A 178 21.63 5.11 -11.45
CA LEU A 178 21.75 5.01 -9.99
C LEU A 178 20.74 5.92 -9.26
N TYR A 179 20.23 5.47 -8.10
CA TYR A 179 19.27 6.21 -7.28
C TYR A 179 19.93 7.26 -6.37
N SER A 180 19.24 8.39 -6.19
CA SER A 180 19.66 9.48 -5.32
C SER A 180 18.49 9.87 -4.42
N LEU A 181 18.77 10.08 -3.12
CA LEU A 181 17.76 10.40 -2.12
C LEU A 181 18.24 11.53 -1.20
N SER A 182 17.30 12.33 -0.66
CA SER A 182 17.60 13.39 0.29
C SER A 182 16.68 13.32 1.52
N SER A 183 17.27 13.42 2.72
CA SER A 183 16.52 13.42 3.97
C SER A 183 16.82 14.70 4.71
N VAL A 184 15.77 15.43 5.11
CA VAL A 184 15.93 16.72 5.79
C VAL A 184 15.26 16.72 7.17
N VAL A 185 15.66 17.67 8.01
CA VAL A 185 15.11 17.88 9.33
C VAL A 185 15.23 19.35 9.70
N THR A 186 14.12 19.97 10.11
CA THR A 186 14.08 21.36 10.56
C THR A 186 14.13 21.32 12.10
N VAL A 187 15.12 22.01 12.67
CA VAL A 187 15.39 22.05 14.11
C VAL A 187 15.48 23.51 14.60
N PRO A 188 15.35 23.82 15.92
CA PRO A 188 15.49 25.23 16.32
C PRO A 188 16.96 25.67 16.25
N SER A 189 17.21 26.84 15.62
CA SER A 189 18.55 27.44 15.43
C SER A 189 19.42 27.56 16.69
N SER A 190 18.78 27.65 17.87
CA SER A 190 19.42 27.76 19.19
C SER A 190 20.17 26.48 19.61
N SER A 191 19.76 25.31 19.07
CA SER A 191 20.34 23.99 19.35
C SER A 191 21.58 23.64 18.52
N LEU A 192 21.83 24.38 17.42
CA LEU A 192 22.95 24.11 16.49
C LEU A 192 24.34 24.05 17.11
N GLY A 193 24.56 24.82 18.17
CA GLY A 193 25.83 24.85 18.89
C GLY A 193 26.01 23.79 19.97
N THR A 194 24.94 23.05 20.31
CA THR A 194 25.00 22.03 21.37
C THR A 194 24.56 20.64 20.88
N GLN A 195 23.38 20.56 20.26
CA GLN A 195 22.79 19.31 19.77
C GLN A 195 23.58 18.70 18.61
N THR A 196 23.86 17.38 18.72
CA THR A 196 24.56 16.59 17.72
C THR A 196 23.50 15.92 16.83
N TYR A 197 23.61 16.13 15.51
CA TYR A 197 22.69 15.58 14.52
C TYR A 197 23.41 14.57 13.65
N ILE A 198 22.92 13.33 13.68
CA ILE A 198 23.50 12.21 12.95
C ILE A 198 22.42 11.49 12.17
N CYS A 199 22.59 11.38 10.84
N CYS A 199 22.56 11.38 10.82
CA CYS A 199 21.67 10.64 9.97
CA CYS A 199 21.60 10.62 10.03
C CYS A 199 22.17 9.20 9.82
C CYS A 199 22.13 9.22 9.78
N ASN A 200 21.31 8.22 10.15
CA ASN A 200 21.68 6.80 10.06
C ASN A 200 21.07 6.23 8.80
N VAL A 201 21.95 5.92 7.84
CA VAL A 201 21.60 5.40 6.52
C VAL A 201 21.89 3.91 6.46
N ASN A 202 20.89 3.12 6.03
CA ASN A 202 20.99 1.67 5.92
C ASN A 202 20.52 1.21 4.55
N HIS A 203 21.43 0.57 3.79
CA HIS A 203 21.17 0.00 2.48
C HIS A 203 21.44 -1.50 2.56
N LYS A 204 20.36 -2.29 2.76
CA LYS A 204 20.40 -3.75 2.89
C LYS A 204 20.91 -4.50 1.63
N PRO A 205 20.55 -4.13 0.36
CA PRO A 205 21.06 -4.89 -0.80
C PRO A 205 22.58 -5.08 -0.85
N SER A 206 23.35 -4.05 -0.43
CA SER A 206 24.81 -4.12 -0.40
C SER A 206 25.37 -4.26 1.04
N ASN A 207 24.46 -4.46 2.03
CA ASN A 207 24.74 -4.59 3.47
C ASN A 207 25.57 -3.39 4.01
N THR A 208 25.09 -2.17 3.70
CA THR A 208 25.72 -0.90 4.04
C THR A 208 24.98 -0.20 5.18
N LYS A 209 25.75 0.38 6.13
CA LYS A 209 25.28 1.15 7.27
C LYS A 209 26.24 2.33 7.47
N VAL A 210 25.73 3.57 7.33
CA VAL A 210 26.53 4.79 7.46
C VAL A 210 25.90 5.77 8.46
N ASP A 211 26.68 6.19 9.47
CA ASP A 211 26.27 7.15 10.50
C ASP A 211 26.99 8.46 10.18
N LYS A 212 26.31 9.39 9.50
CA LYS A 212 26.91 10.67 9.11
C LYS A 212 26.47 11.82 9.99
N LYS A 213 27.45 12.47 10.65
CA LYS A 213 27.26 13.62 11.53
C LYS A 213 27.12 14.87 10.65
N VAL A 214 26.03 15.63 10.85
CA VAL A 214 25.77 16.86 10.08
C VAL A 214 25.94 18.07 10.97
N GLU A 215 26.86 18.96 10.58
CA GLU A 215 27.22 20.15 11.35
C GLU A 215 27.17 21.42 10.50
N PRO A 216 26.95 22.62 11.10
CA PRO A 216 26.95 23.86 10.28
C PRO A 216 28.32 24.21 9.68
N LYS A 217 28.36 25.24 8.80
CA LYS A 217 29.54 25.76 8.07
C LYS A 217 29.96 24.83 6.95
N ASP B 1 -12.31 -8.28 -20.38
CA ASP B 1 -11.87 -7.70 -19.12
C ASP B 1 -12.78 -6.57 -18.66
N VAL B 2 -13.12 -6.55 -17.36
CA VAL B 2 -13.97 -5.53 -16.77
C VAL B 2 -13.09 -4.33 -16.39
N VAL B 3 -13.45 -3.13 -16.87
CA VAL B 3 -12.70 -1.92 -16.55
C VAL B 3 -13.41 -1.19 -15.39
N MET B 4 -12.66 -0.91 -14.30
CA MET B 4 -13.14 -0.22 -13.11
C MET B 4 -12.64 1.22 -13.16
N THR B 5 -13.53 2.17 -13.49
CA THR B 5 -13.18 3.60 -13.56
C THR B 5 -13.54 4.32 -12.28
N GLN B 6 -12.51 4.73 -11.53
CA GLN B 6 -12.63 5.49 -10.30
C GLN B 6 -12.55 6.97 -10.61
N THR B 7 -13.45 7.76 -10.01
CA THR B 7 -13.56 9.20 -10.22
C THR B 7 -13.92 9.91 -8.89
N PRO B 8 -13.19 10.97 -8.45
CA PRO B 8 -12.03 11.63 -9.09
C PRO B 8 -10.70 10.91 -8.85
N LEU B 9 -9.58 11.42 -9.42
CA LEU B 9 -8.23 10.86 -9.26
C LEU B 9 -7.61 11.40 -7.96
N SER B 10 -7.97 12.64 -7.60
CA SER B 10 -7.56 13.34 -6.38
C SER B 10 -8.81 13.95 -5.76
N LEU B 11 -8.98 13.80 -4.45
CA LEU B 11 -10.14 14.34 -3.75
C LEU B 11 -9.77 15.27 -2.58
N PRO B 12 -9.76 16.61 -2.82
CA PRO B 12 -9.47 17.53 -1.71
C PRO B 12 -10.69 17.74 -0.80
N VAL B 13 -10.54 17.44 0.51
CA VAL B 13 -11.62 17.53 1.52
C VAL B 13 -11.07 18.00 2.89
N SER B 14 -11.73 19.03 3.47
CA SER B 14 -11.37 19.62 4.77
C SER B 14 -11.62 18.67 5.93
N LEU B 15 -10.81 18.80 7.01
CA LEU B 15 -10.90 17.96 8.22
C LEU B 15 -12.29 18.03 8.88
N GLY B 16 -12.84 16.85 9.16
CA GLY B 16 -14.16 16.73 9.78
C GLY B 16 -15.33 16.69 8.81
N ASP B 17 -15.08 16.91 7.50
CA ASP B 17 -16.10 16.88 6.44
C ASP B 17 -16.28 15.47 5.85
N GLN B 18 -17.14 15.34 4.81
CA GLN B 18 -17.41 14.07 4.15
C GLN B 18 -16.80 13.97 2.76
N ALA B 19 -16.17 12.82 2.48
CA ALA B 19 -15.54 12.51 1.20
C ALA B 19 -16.42 11.52 0.43
N SER B 20 -16.48 11.65 -0.90
CA SER B 20 -17.28 10.77 -1.74
C SER B 20 -16.51 10.29 -2.98
N ILE B 21 -16.11 8.99 -2.97
CA ILE B 21 -15.37 8.36 -4.05
C ILE B 21 -16.31 7.49 -4.88
N SER B 22 -16.29 7.67 -6.21
CA SER B 22 -17.12 6.91 -7.15
C SER B 22 -16.31 5.88 -7.94
N CYS B 23 -16.86 4.67 -8.06
CA CYS B 23 -16.30 3.57 -8.86
C CYS B 23 -17.36 3.17 -9.87
N ARG B 24 -16.97 3.10 -11.14
CA ARG B 24 -17.88 2.78 -12.22
C ARG B 24 -17.35 1.61 -13.01
N SER B 25 -18.16 0.57 -13.10
CA SER B 25 -17.84 -0.66 -13.81
C SER B 25 -18.27 -0.57 -15.28
N SER B 26 -17.67 -1.41 -16.15
CA SER B 26 -17.96 -1.47 -17.58
C SER B 26 -19.02 -2.54 -17.89
N GLN B 27 -19.26 -3.42 -16.91
CA GLN B 27 -20.20 -4.53 -16.99
C GLN B 27 -20.83 -4.65 -15.61
N SER B 28 -22.04 -5.26 -15.51
CA SER B 28 -22.72 -5.47 -14.23
C SER B 28 -21.87 -6.36 -13.34
N LEU B 29 -21.75 -5.99 -12.05
CA LEU B 29 -20.97 -6.75 -11.07
C LEU B 29 -21.82 -7.75 -10.28
N VAL B 30 -23.09 -7.92 -10.69
CA VAL B 30 -23.93 -8.92 -10.04
C VAL B 30 -23.55 -10.27 -10.60
N HIS B 31 -23.11 -11.16 -9.72
CA HIS B 31 -22.71 -12.52 -10.03
C HIS B 31 -23.97 -13.33 -10.26
N SER B 32 -23.85 -14.48 -10.96
CA SER B 32 -24.98 -15.40 -11.19
C SER B 32 -25.55 -15.94 -9.86
N ASN B 33 -24.69 -16.09 -8.83
CA ASN B 33 -25.12 -16.53 -7.48
C ASN B 33 -25.95 -15.46 -6.72
N GLY B 34 -25.99 -14.25 -7.28
CA GLY B 34 -26.78 -13.15 -6.73
C GLY B 34 -26.02 -12.05 -6.01
N ASN B 35 -24.75 -12.31 -5.68
CA ASN B 35 -23.90 -11.35 -4.95
C ASN B 35 -23.23 -10.32 -5.86
N THR B 36 -23.01 -9.10 -5.36
CA THR B 36 -22.27 -8.05 -6.08
C THR B 36 -20.91 -7.98 -5.38
N TYR B 37 -19.89 -8.54 -6.03
CA TYR B 37 -18.56 -8.58 -5.44
C TYR B 37 -17.75 -7.32 -5.69
N LEU B 38 -18.18 -6.19 -5.11
CA LEU B 38 -17.48 -4.92 -5.19
C LEU B 38 -16.90 -4.59 -3.82
N HIS B 39 -15.57 -4.41 -3.79
CA HIS B 39 -14.86 -4.13 -2.56
C HIS B 39 -14.10 -2.80 -2.63
N TRP B 40 -13.79 -2.25 -1.46
CA TRP B 40 -13.04 -1.01 -1.30
C TRP B 40 -11.83 -1.24 -0.39
N TYR B 41 -10.68 -0.66 -0.77
CA TYR B 41 -9.42 -0.77 -0.05
C TYR B 41 -8.79 0.60 0.18
N LEU B 42 -7.96 0.70 1.21
CA LEU B 42 -7.17 1.88 1.50
C LEU B 42 -5.72 1.48 1.65
N GLN B 43 -4.86 2.16 0.89
CA GLN B 43 -3.44 1.95 0.92
C GLN B 43 -2.79 3.22 1.45
N LYS B 44 -2.34 3.15 2.72
CA LYS B 44 -1.64 4.23 3.40
C LYS B 44 -0.20 4.23 2.86
N PRO B 45 0.49 5.40 2.73
CA PRO B 45 1.85 5.40 2.14
C PRO B 45 2.85 4.44 2.80
N GLY B 46 3.55 3.68 1.94
CA GLY B 46 4.54 2.67 2.31
C GLY B 46 3.98 1.33 2.74
N GLN B 47 2.64 1.24 2.89
CA GLN B 47 1.95 0.05 3.37
C GLN B 47 1.21 -0.74 2.30
N SER B 48 0.79 -1.98 2.65
CA SER B 48 0.01 -2.89 1.82
C SER B 48 -1.45 -2.43 1.83
N PRO B 49 -2.23 -2.63 0.74
CA PRO B 49 -3.66 -2.21 0.77
C PRO B 49 -4.44 -2.92 1.88
N ASN B 50 -5.40 -2.21 2.51
CA ASN B 50 -6.23 -2.77 3.59
C ASN B 50 -7.67 -2.73 3.16
N LEU B 51 -8.42 -3.78 3.49
CA LEU B 51 -9.82 -3.89 3.15
C LEU B 51 -10.68 -3.02 4.08
N LEU B 52 -11.59 -2.24 3.48
CA LEU B 52 -12.48 -1.33 4.21
C LEU B 52 -13.90 -1.85 4.18
N ILE B 53 -14.41 -2.14 2.96
CA ILE B 53 -15.76 -2.60 2.67
C ILE B 53 -15.73 -3.75 1.66
N TYR B 54 -16.43 -4.85 1.97
CA TYR B 54 -16.56 -6.02 1.10
C TYR B 54 -18.01 -6.15 0.70
N LYS B 55 -18.30 -6.61 -0.54
CA LYS B 55 -19.66 -6.78 -1.06
C LYS B 55 -20.52 -5.51 -0.91
N VAL B 56 -20.13 -4.42 -1.62
CA VAL B 56 -20.79 -3.12 -1.75
C VAL B 56 -20.91 -2.31 -0.44
N SER B 57 -21.45 -2.88 0.65
CA SER B 57 -21.75 -2.11 1.86
C SER B 57 -21.34 -2.72 3.19
N ASN B 58 -20.68 -3.87 3.16
CA ASN B 58 -20.33 -4.50 4.43
C ASN B 58 -18.98 -4.05 4.91
N ARG B 59 -18.92 -3.55 6.14
CA ARG B 59 -17.69 -3.09 6.79
C ARG B 59 -16.90 -4.28 7.26
N PHE B 60 -15.61 -4.31 6.94
CA PHE B 60 -14.73 -5.38 7.37
C PHE B 60 -14.41 -5.23 8.85
N SER B 61 -14.28 -6.35 9.58
CA SER B 61 -13.92 -6.38 10.99
C SER B 61 -12.88 -5.29 11.39
N GLY B 62 -13.24 -4.45 12.36
CA GLY B 62 -12.39 -3.39 12.86
C GLY B 62 -12.45 -2.05 12.17
N VAL B 63 -13.10 -1.97 10.99
CA VAL B 63 -13.25 -0.74 10.20
C VAL B 63 -14.27 0.19 10.90
N PRO B 64 -13.93 1.50 11.10
CA PRO B 64 -14.86 2.41 11.80
C PRO B 64 -16.17 2.70 11.10
N ASP B 65 -17.20 3.09 11.88
CA ASP B 65 -18.57 3.46 11.44
C ASP B 65 -18.59 4.53 10.35
N ARG B 66 -17.57 5.42 10.34
CA ARG B 66 -17.36 6.56 9.43
C ARG B 66 -17.33 6.17 7.94
N PHE B 67 -16.82 4.97 7.63
CA PHE B 67 -16.72 4.43 6.27
C PHE B 67 -17.99 3.67 5.94
N SER B 68 -18.57 3.99 4.78
CA SER B 68 -19.78 3.34 4.29
C SER B 68 -19.77 3.28 2.77
N GLY B 69 -20.38 2.22 2.23
CA GLY B 69 -20.45 2.00 0.79
C GLY B 69 -21.85 1.74 0.29
N SER B 70 -22.13 2.14 -0.96
CA SER B 70 -23.43 1.96 -1.60
C SER B 70 -23.25 1.76 -3.12
N GLY B 71 -24.36 1.52 -3.82
CA GLY B 71 -24.38 1.30 -5.26
C GLY B 71 -24.99 -0.03 -5.66
N SER B 72 -25.05 -0.28 -6.97
CA SER B 72 -25.60 -1.50 -7.56
C SER B 72 -25.24 -1.55 -9.03
N GLY B 73 -25.14 -2.78 -9.57
CA GLY B 73 -24.84 -3.04 -10.98
C GLY B 73 -23.46 -2.59 -11.44
N THR B 74 -23.38 -1.33 -11.93
CA THR B 74 -22.16 -0.69 -12.46
C THR B 74 -21.75 0.58 -11.71
N ASP B 75 -22.70 1.32 -11.11
CA ASP B 75 -22.37 2.55 -10.38
C ASP B 75 -22.26 2.29 -8.89
N PHE B 76 -21.13 2.70 -8.28
CA PHE B 76 -20.84 2.48 -6.85
C PHE B 76 -20.16 3.67 -6.20
N THR B 77 -20.36 3.81 -4.88
CA THR B 77 -19.81 4.92 -4.11
C THR B 77 -19.26 4.48 -2.73
N LEU B 78 -18.23 5.19 -2.28
CA LEU B 78 -17.61 5.04 -0.96
C LEU B 78 -17.67 6.42 -0.30
N LYS B 79 -18.23 6.48 0.90
CA LYS B 79 -18.36 7.69 1.70
C LYS B 79 -17.66 7.57 3.03
N ILE B 80 -16.93 8.62 3.40
CA ILE B 80 -16.21 8.71 4.67
C ILE B 80 -16.77 9.91 5.41
N SER B 81 -17.65 9.68 6.37
CA SER B 81 -18.23 10.76 7.17
C SER B 81 -17.21 11.22 8.22
N ARG B 82 -17.08 12.54 8.42
CA ARG B 82 -16.16 13.18 9.39
C ARG B 82 -14.71 12.68 9.24
N VAL B 83 -14.08 13.03 8.10
CA VAL B 83 -12.74 12.61 7.71
C VAL B 83 -11.68 13.00 8.76
N GLU B 84 -10.76 12.05 9.01
CA GLU B 84 -9.68 12.14 9.99
C GLU B 84 -8.33 12.19 9.27
N ALA B 85 -7.24 12.45 10.02
CA ALA B 85 -5.89 12.51 9.49
C ALA B 85 -5.41 11.12 9.03
N GLU B 86 -5.79 10.05 9.75
CA GLU B 86 -5.42 8.68 9.42
C GLU B 86 -6.13 8.12 8.18
N ASP B 87 -7.08 8.89 7.59
CA ASP B 87 -7.81 8.51 6.37
C ASP B 87 -7.02 8.80 5.11
N LEU B 88 -5.87 9.48 5.26
CA LEU B 88 -4.94 9.86 4.22
C LEU B 88 -4.37 8.62 3.53
N GLY B 89 -4.41 8.63 2.21
CA GLY B 89 -3.91 7.54 1.38
C GLY B 89 -4.64 7.40 0.07
N VAL B 90 -4.47 6.24 -0.57
CA VAL B 90 -5.11 5.94 -1.85
C VAL B 90 -6.24 4.93 -1.64
N TYR B 91 -7.44 5.30 -2.11
CA TYR B 91 -8.64 4.50 -2.04
C TYR B 91 -8.82 3.79 -3.36
N PHE B 92 -8.97 2.46 -3.29
CA PHE B 92 -9.11 1.61 -4.46
C PHE B 92 -10.42 0.87 -4.42
N CYS B 93 -11.06 0.69 -5.57
CA CYS B 93 -12.24 -0.16 -5.66
C CYS B 93 -11.78 -1.42 -6.40
N SER B 94 -12.42 -2.55 -6.11
CA SER B 94 -12.05 -3.83 -6.70
C SER B 94 -13.27 -4.66 -7.03
N GLN B 95 -13.19 -5.49 -8.08
CA GLN B 95 -14.28 -6.39 -8.42
C GLN B 95 -13.77 -7.84 -8.43
N GLY B 96 -14.53 -8.71 -7.77
CA GLY B 96 -14.25 -10.14 -7.67
C GLY B 96 -15.34 -10.99 -8.27
N THR B 97 -16.12 -10.43 -9.22
CA THR B 97 -17.24 -11.11 -9.91
C THR B 97 -16.72 -11.89 -11.12
N HIS B 98 -16.09 -11.17 -12.07
CA HIS B 98 -15.57 -11.74 -13.33
C HIS B 98 -14.06 -11.94 -13.29
N VAL B 99 -13.59 -13.05 -13.88
CA VAL B 99 -12.17 -13.35 -14.03
C VAL B 99 -11.71 -12.70 -15.35
N PRO B 100 -10.60 -11.92 -15.36
CA PRO B 100 -9.68 -11.61 -14.24
C PRO B 100 -10.24 -10.57 -13.29
N TYR B 101 -9.97 -10.71 -11.98
CA TYR B 101 -10.42 -9.72 -11.00
C TYR B 101 -9.68 -8.41 -11.28
N THR B 102 -10.38 -7.27 -11.23
CA THR B 102 -9.77 -5.98 -11.57
C THR B 102 -9.92 -4.95 -10.46
N PHE B 103 -9.00 -4.01 -10.44
CA PHE B 103 -8.94 -2.90 -9.50
C PHE B 103 -9.11 -1.59 -10.24
N GLY B 104 -9.67 -0.59 -9.57
CA GLY B 104 -9.78 0.75 -10.13
C GLY B 104 -8.45 1.44 -10.06
N GLY B 105 -8.32 2.57 -10.75
CA GLY B 105 -7.10 3.35 -10.82
C GLY B 105 -6.59 3.96 -9.52
N GLY B 106 -7.49 4.16 -8.57
CA GLY B 106 -7.17 4.75 -7.28
C GLY B 106 -7.57 6.22 -7.16
N THR B 107 -8.01 6.62 -5.96
CA THR B 107 -8.38 7.99 -5.64
C THR B 107 -7.54 8.40 -4.45
N LYS B 108 -6.70 9.43 -4.64
CA LYS B 108 -5.84 9.90 -3.56
C LYS B 108 -6.62 10.94 -2.73
N LEU B 109 -6.86 10.63 -1.45
CA LEU B 109 -7.56 11.55 -0.55
C LEU B 109 -6.58 12.62 -0.10
N GLU B 110 -7.00 13.88 -0.24
CA GLU B 110 -6.22 15.07 0.11
C GLU B 110 -6.96 15.87 1.20
N ILE B 111 -6.25 16.21 2.30
CA ILE B 111 -6.80 17.03 3.39
C ILE B 111 -6.63 18.50 3.01
N LYS B 112 -7.75 19.24 2.84
CA LYS B 112 -7.74 20.66 2.50
C LYS B 112 -7.40 21.52 3.73
N ARG B 113 -6.45 22.46 3.56
CA ARG B 113 -5.98 23.37 4.61
C ARG B 113 -5.76 24.79 4.09
N THR B 114 -5.53 25.75 5.01
CA THR B 114 -5.25 27.15 4.66
C THR B 114 -3.87 27.25 3.97
N VAL B 115 -3.79 28.03 2.85
CA VAL B 115 -2.58 28.23 2.01
C VAL B 115 -1.33 28.54 2.86
N ALA B 116 -0.30 27.66 2.76
CA ALA B 116 0.96 27.81 3.49
C ALA B 116 2.10 28.09 2.53
N ALA B 117 2.87 29.16 2.80
CA ALA B 117 4.01 29.54 1.95
C ALA B 117 5.22 28.65 2.25
N PRO B 118 5.99 28.21 1.22
CA PRO B 118 7.16 27.37 1.50
C PRO B 118 8.32 28.12 2.15
N SER B 119 9.05 27.46 3.05
CA SER B 119 10.26 28.00 3.69
C SER B 119 11.38 27.45 2.81
N VAL B 120 12.10 28.33 2.12
CA VAL B 120 13.15 27.92 1.18
C VAL B 120 14.55 27.89 1.85
N PHE B 121 15.33 26.84 1.56
CA PHE B 121 16.68 26.64 2.09
C PHE B 121 17.60 26.11 0.98
N ILE B 122 18.67 26.86 0.65
CA ILE B 122 19.64 26.43 -0.36
C ILE B 122 20.83 25.75 0.34
N PHE B 123 21.30 24.62 -0.23
CA PHE B 123 22.39 23.84 0.35
C PHE B 123 23.57 23.70 -0.61
N PRO B 124 24.72 24.33 -0.30
CA PRO B 124 25.89 24.20 -1.19
C PRO B 124 26.47 22.78 -1.14
N PRO B 125 27.14 22.29 -2.21
CA PRO B 125 27.72 20.94 -2.15
C PRO B 125 28.83 20.80 -1.11
N SER B 126 28.82 19.68 -0.35
CA SER B 126 29.83 19.38 0.67
C SER B 126 31.18 19.19 -0.01
N ASP B 127 32.28 19.53 0.67
CA ASP B 127 33.62 19.38 0.10
C ASP B 127 34.02 17.91 -0.12
N GLU B 128 33.40 16.97 0.63
CA GLU B 128 33.60 15.52 0.50
C GLU B 128 33.14 15.06 -0.87
N GLN B 129 32.00 15.61 -1.36
CA GLN B 129 31.39 15.31 -2.65
C GLN B 129 32.19 15.92 -3.80
N LEU B 130 32.71 17.15 -3.61
CA LEU B 130 33.51 17.86 -4.60
C LEU B 130 34.81 17.09 -4.87
N LYS B 131 35.44 16.58 -3.79
CA LYS B 131 36.67 15.78 -3.81
C LYS B 131 36.44 14.33 -4.30
N SER B 132 35.59 14.17 -5.34
CA SER B 132 35.25 12.90 -6.00
C SER B 132 34.77 13.08 -7.45
N GLY B 133 34.63 14.35 -7.87
CA GLY B 133 34.28 14.69 -9.26
C GLY B 133 32.98 15.39 -9.54
N THR B 134 31.96 15.23 -8.67
CA THR B 134 30.63 15.81 -8.90
C THR B 134 30.25 16.85 -7.85
N ALA B 135 29.26 17.70 -8.18
CA ALA B 135 28.75 18.75 -7.31
C ALA B 135 27.21 18.79 -7.33
N SER B 136 26.58 18.56 -6.17
CA SER B 136 25.12 18.58 -6.03
C SER B 136 24.62 19.74 -5.18
N VAL B 137 23.85 20.62 -5.80
CA VAL B 137 23.26 21.78 -5.14
C VAL B 137 21.82 21.35 -4.80
N VAL B 138 21.38 21.55 -3.55
CA VAL B 138 20.03 21.10 -3.13
C VAL B 138 19.16 22.25 -2.59
N CYS B 139 17.98 22.43 -3.20
N CYS B 139 17.99 22.42 -3.19
CA CYS B 139 16.99 23.43 -2.80
CA CYS B 139 16.98 23.40 -2.81
C CYS B 139 15.87 22.72 -2.03
C CYS B 139 15.90 22.68 -2.00
N LEU B 140 15.46 23.28 -0.88
CA LEU B 140 14.42 22.69 -0.03
C LEU B 140 13.23 23.64 0.20
N LEU B 141 12.03 23.20 -0.24
CA LEU B 141 10.76 23.92 -0.08
C LEU B 141 10.03 23.20 1.03
N ASN B 142 10.11 23.75 2.25
CA ASN B 142 9.55 23.12 3.44
C ASN B 142 8.15 23.61 3.82
N ASN B 143 7.27 22.64 4.14
CA ASN B 143 5.90 22.77 4.61
C ASN B 143 5.04 23.83 3.88
N PHE B 144 4.57 23.48 2.68
CA PHE B 144 3.73 24.35 1.86
C PHE B 144 2.40 23.68 1.49
N TYR B 145 1.43 24.49 0.99
CA TYR B 145 0.12 24.06 0.53
C TYR B 145 -0.50 25.12 -0.40
N PRO B 146 -1.00 24.76 -1.61
CA PRO B 146 -1.05 23.42 -2.23
C PRO B 146 0.27 22.95 -2.84
N ARG B 147 0.30 21.67 -3.27
CA ARG B 147 1.43 20.96 -3.89
C ARG B 147 2.11 21.72 -5.04
N GLU B 148 1.30 22.42 -5.86
CA GLU B 148 1.73 23.16 -7.05
C GLU B 148 2.74 24.28 -6.73
N ALA B 149 4.03 24.00 -7.00
CA ALA B 149 5.16 24.90 -6.78
C ALA B 149 6.23 24.68 -7.83
N LYS B 150 6.84 25.78 -8.32
CA LYS B 150 7.89 25.74 -9.35
C LYS B 150 9.27 26.13 -8.79
N VAL B 151 10.32 25.41 -9.23
CA VAL B 151 11.73 25.63 -8.83
C VAL B 151 12.54 25.94 -10.10
N GLN B 152 13.24 27.09 -10.10
CA GLN B 152 14.08 27.51 -11.24
C GLN B 152 15.54 27.74 -10.83
N TRP B 153 16.43 26.84 -11.27
CA TRP B 153 17.87 26.90 -10.98
C TRP B 153 18.56 27.97 -11.82
N LYS B 154 19.20 28.95 -11.15
CA LYS B 154 19.93 30.06 -11.77
C LYS B 154 21.40 30.02 -11.40
N VAL B 155 22.25 29.65 -12.36
CA VAL B 155 23.71 29.58 -12.21
C VAL B 155 24.27 30.83 -12.92
N ASP B 156 24.71 31.84 -12.12
CA ASP B 156 25.20 33.16 -12.55
C ASP B 156 24.10 33.94 -13.30
N ASN B 157 22.84 33.77 -12.84
CA ASN B 157 21.58 34.33 -13.35
C ASN B 157 21.09 33.65 -14.66
N ALA B 158 21.83 32.63 -15.16
CA ALA B 158 21.44 31.88 -16.35
C ALA B 158 20.52 30.71 -15.96
N LEU B 159 19.32 30.64 -16.58
CA LEU B 159 18.30 29.61 -16.31
C LEU B 159 18.74 28.21 -16.72
N GLN B 160 18.75 27.28 -15.75
CA GLN B 160 19.15 25.88 -15.95
C GLN B 160 17.97 24.96 -16.25
N SER B 161 18.16 24.02 -17.19
CA SER B 161 17.13 23.06 -17.58
C SER B 161 17.76 21.71 -17.97
N GLY B 162 17.15 20.62 -17.48
CA GLY B 162 17.56 19.25 -17.78
C GLY B 162 18.59 18.65 -16.84
N ASN B 163 19.38 19.49 -16.15
CA ASN B 163 20.42 19.09 -15.21
C ASN B 163 19.90 18.86 -13.77
N SER B 164 18.59 19.04 -13.55
CA SER B 164 17.95 18.88 -12.23
C SER B 164 16.83 17.83 -12.18
N GLN B 165 16.48 17.38 -10.95
CA GLN B 165 15.42 16.40 -10.65
C GLN B 165 14.75 16.78 -9.32
N GLU B 166 13.40 16.86 -9.32
CA GLU B 166 12.53 17.21 -8.17
C GLU B 166 11.98 15.96 -7.48
N SER B 167 11.54 16.12 -6.23
CA SER B 167 10.92 15.07 -5.41
C SER B 167 10.03 15.70 -4.35
N VAL B 168 8.75 15.28 -4.32
CA VAL B 168 7.75 15.80 -3.38
C VAL B 168 7.31 14.69 -2.41
N THR B 169 7.22 15.02 -1.11
CA THR B 169 6.75 14.10 -0.08
C THR B 169 5.22 14.02 -0.17
N GLU B 170 4.65 12.92 0.36
CA GLU B 170 3.19 12.76 0.46
C GLU B 170 2.73 13.68 1.59
N GLN B 171 1.48 14.18 1.51
CA GLN B 171 0.89 15.08 2.50
C GLN B 171 1.17 14.64 3.94
N ASP B 172 1.58 15.60 4.79
CA ASP B 172 1.89 15.34 6.19
C ASP B 172 0.61 15.09 7.00
N SER B 173 0.62 14.05 7.85
CA SER B 173 -0.54 13.66 8.66
C SER B 173 -0.88 14.66 9.78
N LYS B 174 0.13 15.42 10.25
CA LYS B 174 -0.03 16.38 11.35
C LYS B 174 -0.39 17.81 10.91
N ASP B 175 0.38 18.39 9.99
CA ASP B 175 0.13 19.77 9.53
C ASP B 175 -0.49 19.87 8.12
N SER B 176 -0.73 18.74 7.41
CA SER B 176 -1.36 18.61 6.08
C SER B 176 -0.57 19.32 4.95
N THR B 177 0.74 19.50 5.15
CA THR B 177 1.59 20.17 4.17
C THR B 177 2.42 19.20 3.34
N TYR B 178 3.04 19.72 2.28
CA TYR B 178 3.95 19.03 1.37
C TYR B 178 5.33 19.66 1.48
N SER B 179 6.37 18.91 1.08
CA SER B 179 7.75 19.38 1.04
C SER B 179 8.38 18.96 -0.27
N LEU B 180 9.26 19.83 -0.82
CA LEU B 180 9.92 19.58 -2.11
C LEU B 180 11.43 19.70 -2.02
N SER B 181 12.15 18.76 -2.66
CA SER B 181 13.61 18.73 -2.77
C SER B 181 14.03 18.71 -4.24
N SER B 182 14.63 19.82 -4.71
CA SER B 182 15.15 19.93 -6.09
C SER B 182 16.67 19.91 -6.03
N THR B 183 17.29 18.96 -6.74
CA THR B 183 18.73 18.78 -6.76
C THR B 183 19.31 19.10 -8.16
N LEU B 184 20.31 20.00 -8.19
CA LEU B 184 21.03 20.44 -9.39
C LEU B 184 22.34 19.65 -9.43
N THR B 185 22.52 18.84 -10.47
CA THR B 185 23.71 18.01 -10.63
C THR B 185 24.57 18.49 -11.78
N LEU B 186 25.81 18.90 -11.45
CA LEU B 186 26.81 19.38 -12.40
C LEU B 186 28.22 19.00 -11.96
N SER B 187 29.10 18.74 -12.94
CA SER B 187 30.50 18.35 -12.71
C SER B 187 31.25 19.42 -11.92
N LYS B 188 32.27 19.00 -11.13
CA LYS B 188 33.12 19.87 -10.30
C LYS B 188 33.73 21.02 -11.14
N ALA B 189 34.21 20.70 -12.37
CA ALA B 189 34.78 21.64 -13.34
C ALA B 189 33.76 22.73 -13.71
N ASP B 190 32.49 22.34 -13.91
CA ASP B 190 31.38 23.25 -14.22
C ASP B 190 31.04 24.08 -13.00
N TYR B 191 31.20 23.49 -11.79
CA TYR B 191 30.91 24.16 -10.54
C TYR B 191 31.92 25.27 -10.25
N GLU B 192 33.23 25.01 -10.44
CA GLU B 192 34.31 25.99 -10.19
C GLU B 192 34.31 27.16 -11.21
N LYS B 193 33.79 26.93 -12.43
CA LYS B 193 33.69 27.94 -13.49
C LYS B 193 32.63 29.05 -13.23
N HIS B 194 31.77 28.87 -12.21
CA HIS B 194 30.71 29.81 -11.86
C HIS B 194 30.75 30.19 -10.38
N LYS B 195 30.06 31.30 -9.99
CA LYS B 195 30.05 31.74 -8.60
C LYS B 195 28.64 31.84 -7.97
N VAL B 196 27.67 32.48 -8.67
CA VAL B 196 26.31 32.66 -8.16
C VAL B 196 25.42 31.40 -8.39
N TYR B 197 24.90 30.82 -7.29
CA TYR B 197 24.02 29.66 -7.32
C TYR B 197 22.75 30.00 -6.58
N ALA B 198 21.64 30.10 -7.33
CA ALA B 198 20.34 30.49 -6.79
C ALA B 198 19.20 29.60 -7.29
N CYS B 199 18.10 29.53 -6.51
N CYS B 199 18.10 29.55 -6.52
CA CYS B 199 16.90 28.77 -6.89
CA CYS B 199 16.89 28.78 -6.84
C CYS B 199 15.65 29.63 -6.69
C CYS B 199 15.64 29.66 -6.68
N GLU B 200 14.88 29.83 -7.78
CA GLU B 200 13.67 30.66 -7.80
C GLU B 200 12.45 29.81 -7.49
N VAL B 201 11.73 30.19 -6.42
CA VAL B 201 10.55 29.50 -5.92
C VAL B 201 9.26 30.28 -6.20
N THR B 202 8.39 29.70 -7.06
CA THR B 202 7.09 30.26 -7.45
C THR B 202 5.98 29.44 -6.78
N HIS B 203 5.17 30.09 -5.92
CA HIS B 203 4.06 29.48 -5.19
C HIS B 203 2.99 30.53 -4.87
N GLN B 204 1.69 30.12 -4.83
CA GLN B 204 0.54 30.99 -4.57
C GLN B 204 0.48 31.56 -3.13
N GLY B 205 1.35 31.05 -2.25
CA GLY B 205 1.47 31.52 -0.88
C GLY B 205 2.40 32.73 -0.81
N LEU B 206 3.21 32.91 -1.88
CA LEU B 206 4.18 33.98 -2.06
C LEU B 206 3.69 34.97 -3.13
N SER B 207 3.67 36.27 -2.78
CA SER B 207 3.28 37.35 -3.69
C SER B 207 4.29 37.48 -4.83
N SER B 208 5.60 37.45 -4.48
CA SER B 208 6.72 37.53 -5.42
C SER B 208 7.60 36.28 -5.31
N PRO B 209 8.14 35.76 -6.45
CA PRO B 209 8.98 34.55 -6.38
C PRO B 209 10.28 34.72 -5.60
N VAL B 210 10.37 34.07 -4.41
CA VAL B 210 11.55 34.13 -3.53
C VAL B 210 12.75 33.40 -4.13
N THR B 211 13.95 33.97 -3.93
CA THR B 211 15.21 33.43 -4.43
C THR B 211 16.19 33.29 -3.26
N LYS B 212 16.75 32.09 -3.08
CA LYS B 212 17.75 31.79 -2.05
C LYS B 212 19.05 31.49 -2.76
N SER B 213 20.12 32.22 -2.40
CA SER B 213 21.41 32.08 -3.07
C SER B 213 22.61 31.97 -2.13
N PHE B 214 23.77 31.63 -2.74
CA PHE B 214 25.07 31.54 -2.12
C PHE B 214 26.15 31.77 -3.19
N ASN B 215 27.30 32.30 -2.78
CA ASN B 215 28.44 32.52 -3.67
C ASN B 215 29.47 31.44 -3.39
N ARG B 216 29.91 30.72 -4.45
CA ARG B 216 30.87 29.62 -4.39
C ARG B 216 32.12 29.97 -3.56
N GLY B 217 32.50 29.07 -2.66
CA GLY B 217 33.65 29.20 -1.78
C GLY B 217 33.42 30.14 -0.61
N GLU B 218 33.21 31.44 -0.92
CA GLU B 218 32.95 32.53 0.04
C GLU B 218 31.71 32.23 0.88
N CYS B 219 31.72 32.64 2.16
CA CYS B 219 30.60 32.42 3.06
C CYS B 219 29.43 33.36 2.75
N VAL C 8 -26.74 -35.40 -12.48
CA VAL C 8 -26.35 -36.04 -11.22
C VAL C 8 -25.53 -35.06 -10.38
N HIS C 9 -24.42 -34.53 -10.94
CA HIS C 9 -23.53 -33.57 -10.29
C HIS C 9 -24.00 -32.14 -10.56
N PHE C 10 -23.92 -31.27 -9.54
CA PHE C 10 -24.36 -29.87 -9.63
C PHE C 10 -23.67 -28.93 -8.62
N ALA C 11 -23.64 -27.63 -8.96
CA ALA C 11 -23.05 -26.55 -8.15
C ALA C 11 -23.83 -26.38 -6.84
N PRO C 12 -23.16 -25.93 -5.74
CA PRO C 12 -23.88 -25.78 -4.47
C PRO C 12 -24.87 -24.64 -4.48
N THR C 13 -25.90 -24.75 -3.64
CA THR C 13 -26.94 -23.73 -3.44
C THR C 13 -27.30 -23.71 -1.97
N ILE C 14 -27.18 -22.52 -1.37
CA ILE C 14 -27.57 -22.26 0.00
C ILE C 14 -29.06 -21.90 -0.10
N THR C 15 -29.93 -22.92 0.05
CA THR C 15 -31.38 -22.73 -0.06
C THR C 15 -32.00 -22.14 1.23
N PHE C 16 -31.24 -22.09 2.34
CA PHE C 16 -31.67 -21.54 3.62
C PHE C 16 -30.51 -21.09 4.51
N LEU C 17 -30.58 -19.85 5.00
CA LEU C 17 -29.65 -19.24 5.94
C LEU C 17 -30.40 -18.12 6.65
N GLU C 18 -30.55 -18.24 7.99
CA GLU C 18 -31.29 -17.28 8.81
C GLU C 18 -30.59 -16.99 10.11
N SER C 19 -31.00 -15.88 10.80
CA SER C 19 -30.50 -15.48 12.11
C SER C 19 -30.97 -16.52 13.15
N PRO C 20 -30.21 -16.78 14.26
CA PRO C 20 -30.67 -17.77 15.26
C PRO C 20 -32.10 -17.53 15.74
N THR C 21 -32.92 -18.60 15.84
CA THR C 21 -34.33 -18.53 16.28
C THR C 21 -34.44 -18.53 17.80
N SER C 22 -35.67 -18.30 18.31
CA SER C 22 -36.04 -18.26 19.72
C SER C 22 -35.79 -19.58 20.45
N ASP C 23 -36.12 -20.70 19.80
CA ASP C 23 -35.94 -22.05 20.33
C ASP C 23 -34.49 -22.54 20.26
N HIS C 24 -33.63 -21.92 19.42
CA HIS C 24 -32.25 -22.33 19.19
C HIS C 24 -31.30 -21.13 19.01
N HIS C 25 -31.20 -20.27 20.05
CA HIS C 25 -30.43 -19.02 20.10
C HIS C 25 -28.91 -19.08 19.81
N TRP C 26 -28.27 -20.25 19.96
N TRP C 26 -28.27 -20.24 19.99
CA TRP C 26 -26.82 -20.41 19.77
CA TRP C 26 -26.82 -20.35 19.84
C TRP C 26 -26.42 -21.14 18.48
C TRP C 26 -26.36 -21.00 18.52
N CYS C 27 -27.34 -21.18 17.50
N CYS C 27 -27.27 -21.15 17.54
CA CYS C 27 -27.13 -21.87 16.24
CA CYS C 27 -26.93 -21.75 16.25
C CYS C 27 -27.54 -21.01 15.06
C CYS C 27 -27.46 -20.96 15.06
N ILE C 28 -26.65 -20.85 14.07
N ILE C 28 -26.61 -20.76 14.05
CA ILE C 28 -26.96 -20.15 12.82
CA ILE C 28 -26.99 -20.10 12.79
C ILE C 28 -27.43 -21.26 11.87
C ILE C 28 -27.44 -21.24 11.85
N PRO C 29 -28.76 -21.42 11.65
CA PRO C 29 -29.22 -22.54 10.81
C PRO C 29 -28.99 -22.36 9.32
N PHE C 30 -28.74 -23.48 8.63
CA PHE C 30 -28.55 -23.49 7.19
C PHE C 30 -29.03 -24.79 6.55
N THR C 31 -29.25 -24.72 5.25
CA THR C 31 -29.56 -25.82 4.35
C THR C 31 -28.71 -25.58 3.09
N VAL C 32 -27.92 -26.57 2.71
CA VAL C 32 -27.05 -26.52 1.54
C VAL C 32 -27.33 -27.76 0.68
N LYS C 33 -27.46 -27.54 -0.64
CA LYS C 33 -27.65 -28.59 -1.65
C LYS C 33 -26.40 -28.57 -2.52
N GLY C 34 -25.99 -29.72 -3.00
CA GLY C 34 -24.79 -29.84 -3.83
C GLY C 34 -24.38 -31.27 -4.08
N ASN C 35 -23.73 -31.51 -5.23
CA ASN C 35 -23.20 -32.83 -5.59
C ASN C 35 -21.93 -32.72 -6.44
N PRO C 36 -20.75 -33.13 -5.91
CA PRO C 36 -20.50 -33.72 -4.57
C PRO C 36 -20.64 -32.75 -3.39
N LYS C 37 -20.58 -33.30 -2.16
CA LYS C 37 -20.69 -32.61 -0.87
C LYS C 37 -19.91 -31.29 -0.92
N PRO C 38 -20.60 -30.12 -0.83
CA PRO C 38 -19.89 -28.84 -0.89
C PRO C 38 -19.10 -28.58 0.36
N ALA C 39 -17.97 -27.88 0.21
CA ALA C 39 -17.13 -27.48 1.33
C ALA C 39 -17.75 -26.19 1.90
N LEU C 40 -17.97 -26.17 3.22
CA LEU C 40 -18.54 -25.02 3.91
C LEU C 40 -17.46 -24.19 4.59
N GLN C 41 -17.54 -22.87 4.43
CA GLN C 41 -16.59 -21.91 4.99
C GLN C 41 -17.32 -20.67 5.48
N TRP C 42 -17.03 -20.26 6.73
CA TRP C 42 -17.64 -19.09 7.35
C TRP C 42 -16.73 -17.90 7.42
N PHE C 43 -17.32 -16.70 7.36
CA PHE C 43 -16.65 -15.40 7.49
C PHE C 43 -17.44 -14.55 8.47
N TYR C 44 -16.74 -13.99 9.48
CA TYR C 44 -17.31 -13.11 10.47
C TYR C 44 -16.86 -11.69 10.13
N ASN C 45 -17.78 -10.85 9.67
CA ASN C 45 -17.52 -9.48 9.21
C ASN C 45 -16.40 -9.43 8.15
N GLY C 46 -16.41 -10.45 7.27
CA GLY C 46 -15.45 -10.61 6.18
C GLY C 46 -14.12 -11.25 6.55
N ALA C 47 -13.90 -11.51 7.84
CA ALA C 47 -12.66 -12.10 8.36
C ALA C 47 -12.80 -13.61 8.53
N ILE C 48 -11.65 -14.34 8.53
CA ILE C 48 -11.63 -15.79 8.72
C ILE C 48 -12.16 -16.14 10.10
N LEU C 49 -13.04 -17.14 10.15
CA LEU C 49 -13.58 -17.66 11.38
C LEU C 49 -12.93 -19.01 11.61
N ASN C 50 -11.92 -19.02 12.50
CA ASN C 50 -11.21 -20.24 12.87
C ASN C 50 -12.13 -21.02 13.78
N GLU C 51 -12.49 -22.23 13.35
CA GLU C 51 -13.38 -23.08 14.12
C GLU C 51 -12.65 -23.74 15.29
N SER C 52 -13.34 -23.83 16.43
CA SER C 52 -12.83 -24.38 17.69
C SER C 52 -13.98 -25.08 18.43
N LYS C 53 -13.78 -25.42 19.73
CA LYS C 53 -14.82 -26.05 20.55
C LYS C 53 -15.92 -25.05 20.97
N TYR C 54 -15.75 -23.77 20.58
CA TYR C 54 -16.65 -22.66 20.89
C TYR C 54 -17.50 -22.23 19.70
N ILE C 55 -16.97 -22.31 18.47
CA ILE C 55 -17.69 -21.94 17.23
C ILE C 55 -17.35 -22.95 16.15
N CYS C 56 -18.26 -23.88 15.81
CA CYS C 56 -17.97 -24.90 14.80
C CYS C 56 -19.19 -25.24 13.90
N THR C 57 -18.92 -25.75 12.67
CA THR C 57 -19.97 -26.16 11.74
C THR C 57 -20.34 -27.60 12.03
N LYS C 58 -21.63 -27.87 12.11
CA LYS C 58 -22.13 -29.22 12.28
C LYS C 58 -23.36 -29.49 11.44
N ILE C 59 -23.21 -30.37 10.44
CA ILE C 59 -24.31 -30.84 9.60
C ILE C 59 -24.99 -31.92 10.44
N HIS C 60 -26.30 -31.75 10.68
CA HIS C 60 -27.08 -32.68 11.50
C HIS C 60 -27.86 -33.67 10.68
N VAL C 61 -28.46 -33.23 9.57
CA VAL C 61 -29.27 -34.11 8.70
C VAL C 61 -28.69 -34.10 7.30
N THR C 62 -28.35 -35.30 6.79
CA THR C 62 -27.82 -35.54 5.45
C THR C 62 -28.80 -36.45 4.71
N ASN C 63 -29.63 -35.85 3.84
CA ASN C 63 -30.60 -36.58 3.04
C ASN C 63 -30.19 -36.44 1.57
N HIS C 64 -29.49 -37.46 1.06
CA HIS C 64 -28.97 -37.53 -0.31
C HIS C 64 -28.03 -36.33 -0.57
N THR C 65 -28.43 -35.41 -1.46
CA THR C 65 -27.67 -34.21 -1.83
C THR C 65 -28.02 -32.98 -0.95
N GLU C 66 -28.91 -33.16 0.06
CA GLU C 66 -29.36 -32.10 0.98
C GLU C 66 -28.64 -32.21 2.33
N TYR C 67 -28.09 -31.07 2.79
CA TYR C 67 -27.34 -30.97 4.03
C TYR C 67 -27.92 -29.87 4.91
N HIS C 68 -28.47 -30.22 6.07
CA HIS C 68 -29.04 -29.27 7.04
C HIS C 68 -28.17 -29.28 8.29
N GLY C 69 -27.76 -28.08 8.71
CA GLY C 69 -26.89 -27.94 9.86
C GLY C 69 -26.87 -26.57 10.50
N CYS C 70 -25.95 -26.39 11.46
N CYS C 70 -25.94 -26.35 11.43
CA CYS C 70 -25.77 -25.18 12.26
CA CYS C 70 -25.81 -25.06 12.10
C CYS C 70 -24.30 -24.75 12.38
C CYS C 70 -24.37 -24.75 12.53
N LEU C 71 -24.07 -23.44 12.65
CA LEU C 71 -22.79 -22.94 13.08
C LEU C 71 -23.07 -22.87 14.60
N GLN C 72 -22.65 -23.91 15.35
CA GLN C 72 -22.88 -24.05 16.79
C GLN C 72 -21.95 -23.18 17.57
N LEU C 73 -22.49 -22.34 18.43
CA LEU C 73 -21.72 -21.46 19.30
C LEU C 73 -21.92 -21.91 20.73
N ASP C 74 -20.83 -22.09 21.49
CA ASP C 74 -20.89 -22.50 22.90
C ASP C 74 -20.81 -21.27 23.80
N ASN C 75 -21.89 -21.00 24.56
CA ASN C 75 -22.03 -19.86 25.48
C ASN C 75 -21.57 -18.52 24.85
N PRO C 76 -22.19 -18.08 23.73
CA PRO C 76 -21.76 -16.82 23.11
C PRO C 76 -22.22 -15.58 23.87
N THR C 77 -21.57 -14.44 23.61
CA THR C 77 -21.89 -13.16 24.23
C THR C 77 -22.15 -12.17 23.10
N HIS C 78 -22.29 -10.87 23.42
CA HIS C 78 -22.49 -9.81 22.41
C HIS C 78 -21.26 -9.71 21.48
N MET C 79 -20.10 -10.19 21.94
CA MET C 79 -18.82 -10.20 21.21
C MET C 79 -18.84 -11.12 19.98
N ASN C 80 -19.90 -11.96 19.84
CA ASN C 80 -20.08 -12.85 18.70
C ASN C 80 -21.09 -12.29 17.71
N ASN C 81 -21.69 -11.13 18.01
CA ASN C 81 -22.69 -10.50 17.15
C ASN C 81 -22.02 -9.86 15.95
N GLY C 82 -22.65 -10.02 14.78
CA GLY C 82 -22.16 -9.47 13.54
C GLY C 82 -22.71 -10.11 12.29
N ASP C 83 -21.99 -9.94 11.18
CA ASP C 83 -22.35 -10.48 9.87
C ASP C 83 -21.64 -11.79 9.62
N TYR C 84 -22.41 -12.86 9.39
CA TYR C 84 -21.87 -14.19 9.14
C TYR C 84 -22.15 -14.59 7.70
N THR C 85 -21.08 -14.79 6.93
CA THR C 85 -21.14 -15.20 5.53
C THR C 85 -20.80 -16.69 5.48
N LEU C 86 -21.67 -17.46 4.84
CA LEU C 86 -21.40 -18.87 4.58
C LEU C 86 -21.13 -19.02 3.08
N ILE C 87 -20.02 -19.67 2.72
CA ILE C 87 -19.67 -19.95 1.33
C ILE C 87 -19.69 -21.47 1.13
N ALA C 88 -20.43 -21.93 0.11
CA ALA C 88 -20.53 -23.34 -0.26
C ALA C 88 -19.92 -23.58 -1.66
N LYS C 89 -18.81 -24.34 -1.70
CA LYS C 89 -18.10 -24.62 -2.95
C LYS C 89 -17.89 -26.10 -3.24
N ASN C 90 -17.96 -26.44 -4.51
CA ASN C 90 -17.55 -27.73 -5.07
C ASN C 90 -16.86 -27.43 -6.40
N GLU C 91 -16.48 -28.45 -7.18
CA GLU C 91 -15.82 -28.24 -8.48
C GLU C 91 -16.78 -27.77 -9.59
N TYR C 92 -18.09 -27.57 -9.27
CA TYR C 92 -19.10 -27.16 -10.25
C TYR C 92 -19.62 -25.73 -10.08
N GLY C 93 -19.36 -25.13 -8.92
CA GLY C 93 -19.78 -23.76 -8.65
C GLY C 93 -19.59 -23.30 -7.22
N LYS C 94 -20.17 -22.13 -6.93
CA LYS C 94 -20.10 -21.48 -5.63
C LYS C 94 -21.37 -20.68 -5.30
N ASP C 95 -21.91 -20.89 -4.11
CA ASP C 95 -23.01 -20.08 -3.62
C ASP C 95 -22.58 -19.43 -2.32
N GLU C 96 -23.09 -18.22 -2.09
CA GLU C 96 -22.73 -17.43 -0.93
C GLU C 96 -23.92 -16.61 -0.46
N LYS C 97 -24.24 -16.72 0.84
CA LYS C 97 -25.30 -16.00 1.51
C LYS C 97 -24.77 -15.48 2.85
N GLN C 98 -25.35 -14.37 3.34
CA GLN C 98 -24.94 -13.71 4.58
C GLN C 98 -26.16 -13.41 5.45
N ILE C 99 -25.97 -13.38 6.79
CA ILE C 99 -27.00 -13.00 7.78
C ILE C 99 -26.38 -12.14 8.89
N SER C 100 -27.23 -11.41 9.65
CA SER C 100 -26.85 -10.64 10.84
C SER C 100 -27.27 -11.46 12.03
N ALA C 101 -26.35 -11.65 12.99
CA ALA C 101 -26.62 -12.45 14.17
C ALA C 101 -26.49 -11.66 15.43
N HIS C 102 -27.48 -11.79 16.32
CA HIS C 102 -27.51 -11.18 17.63
C HIS C 102 -27.74 -12.34 18.59
N PHE C 103 -26.80 -12.57 19.51
CA PHE C 103 -26.84 -13.71 20.41
C PHE C 103 -27.38 -13.41 21.81
N MET C 104 -28.41 -14.21 22.21
CA MET C 104 -29.08 -14.17 23.52
C MET C 104 -28.23 -14.95 24.54
N GLY C 105 -28.33 -14.56 25.82
CA GLY C 105 -27.58 -15.17 26.91
C GLY C 105 -28.18 -16.44 27.49
N TRP C 106 -29.07 -17.10 26.72
CA TRP C 106 -29.76 -18.34 27.10
C TRP C 106 -29.92 -19.24 25.89
N PRO C 107 -29.80 -20.59 26.01
CA PRO C 107 -29.87 -21.47 24.83
C PRO C 107 -31.14 -21.38 23.98
N GLY C 108 -32.27 -21.18 24.65
CA GLY C 108 -33.58 -21.07 24.04
C GLY C 108 -34.69 -21.30 25.04
N ILE C 109 -35.94 -21.33 24.55
CA ILE C 109 -37.14 -21.55 25.36
C ILE C 109 -37.24 -23.00 25.84
#